data_7PZX
#
_entry.id   7PZX
#
_cell.length_a   35.779
_cell.length_b   67.163
_cell.length_c   63.617
_cell.angle_alpha   90.00
_cell.angle_beta   90.00
_cell.angle_gamma   90.00
#
_symmetry.space_group_name_H-M   'P 1 21 1'
#
loop_
_entity.id
_entity.type
_entity.pdbx_description
1 polymer 'UDP-3-O-acyl-N-acetylglucosamine deacetylase'
2 non-polymer 'ZINC ION'
3 non-polymer (2S,4S)-N-((3R,5R)-1-(cyclopropanecarbonyl)-5-((4-((4-((S)-2-hydroxy-1-methoxyethyl)phenyl)ethynyl)benzamido)methyl)pyrrolidin-3-yl)-4-fluoropyrrolidine-2-carboxamide
4 water water
#
_entity_poly.entity_id   1
_entity_poly.type   'polypeptide(L)'
_entity_poly.pdbx_seq_one_letter_code
;HHHHHHENLYFQSMIKQRTLKNIIRATGVGLHSGEKVYLTLKPAPVDTGIVFSRTDLDPVVEIPARAENVGETTMSTTLV
KGDVKVDTVEHLLSAMAGLGIDNAYVELSASEVPIMDGSAGPFVFLIQSAGLQEQEAAKKFIRIKREVSVEEGDKRAVFV
PFDGFKVSFEIDFDHPVFRGRTQQASVDFSSTSFVKEVSRARTFGFMRDIEYLRSQNLALGGSVENAIVVDENRVLNEDG
LRYEDEFVKHKILDAIGDLYLLGNSLIGEFRGFKSGHALNNQLLRTLIADKDAWEVVTFEDARTAPISYMRP
;
_entity_poly.pdbx_strand_id   A
#
loop_
_chem_comp.id
_chem_comp.type
_chem_comp.name
_chem_comp.formula
8IY non-polymer (2S,4S)-N-((3R,5R)-1-(cyclopropanecarbonyl)-5-((4-((4-((S)-2-hydroxy-1-methoxyethyl)phenyl)ethynyl)benzamido)methyl)pyrrolidin-3-yl)-4-fluoropyrrolidine-2-carboxamide 'C32 H37 F N4 O5'
ZN non-polymer 'ZINC ION' 'Zn 2'
#
# COMPACT_ATOMS: atom_id res chain seq x y z
N SER A 13 -15.42 -23.05 -10.19
CA SER A 13 -15.93 -21.66 -10.51
C SER A 13 -14.77 -20.65 -10.42
N MET A 14 -14.72 -19.66 -11.33
CA MET A 14 -13.50 -18.83 -11.57
C MET A 14 -13.29 -17.81 -10.44
N ILE A 15 -12.03 -17.45 -10.16
CA ILE A 15 -11.72 -16.30 -9.26
C ILE A 15 -12.17 -15.04 -10.00
N LYS A 16 -13.24 -14.40 -9.52
CA LYS A 16 -13.87 -13.25 -10.20
C LYS A 16 -13.31 -11.94 -9.64
N GLN A 17 -13.20 -10.93 -10.47
CA GLN A 17 -12.82 -9.58 -10.00
C GLN A 17 -13.81 -9.14 -8.91
N ARG A 18 -13.38 -8.21 -8.06
CA ARG A 18 -14.21 -7.60 -6.99
C ARG A 18 -14.17 -6.07 -7.09
N THR A 19 -15.30 -5.43 -6.80
CA THR A 19 -15.40 -3.99 -6.42
C THR A 19 -16.08 -3.85 -5.05
N LEU A 20 -16.46 -2.63 -4.70
CA LEU A 20 -17.21 -2.31 -3.45
C LEU A 20 -18.69 -2.62 -3.63
N LYS A 21 -19.36 -3.06 -2.56
CA LYS A 21 -20.84 -3.30 -2.58
C LYS A 21 -21.55 -1.95 -2.44
N ASN A 22 -21.02 -1.03 -1.64
CA ASN A 22 -21.64 0.28 -1.29
C ASN A 22 -20.52 1.31 -1.23
N ILE A 23 -20.88 2.59 -1.27
CA ILE A 23 -19.91 3.71 -1.18
C ILE A 23 -19.36 3.77 0.24
N ILE A 24 -18.11 4.20 0.40
CA ILE A 24 -17.48 4.43 1.74
C ILE A 24 -17.09 5.90 1.84
N ARG A 25 -17.51 6.55 2.91
CA ARG A 25 -17.17 7.95 3.24
C ARG A 25 -16.36 7.90 4.53
N ALA A 26 -15.22 8.58 4.52
CA ALA A 26 -14.35 8.79 5.70
C ALA A 26 -13.85 10.23 5.67
N THR A 27 -13.18 10.65 6.73
CA THR A 27 -12.71 12.03 6.96
C THR A 27 -11.41 11.95 7.77
N GLY A 28 -10.43 12.81 7.46
CA GLY A 28 -9.13 12.76 8.13
C GLY A 28 -8.23 13.90 7.74
N VAL A 29 -6.95 13.70 8.00
CA VAL A 29 -5.88 14.72 7.91
C VAL A 29 -4.77 14.13 7.06
N GLY A 30 -4.33 14.87 6.04
CA GLY A 30 -3.02 14.61 5.41
C GLY A 30 -1.91 14.63 6.45
N LEU A 31 -1.14 13.57 6.57
CA LEU A 31 0.07 13.52 7.43
C LEU A 31 0.95 14.76 7.16
N HIS A 32 1.28 15.03 5.89
CA HIS A 32 2.23 16.10 5.47
C HIS A 32 1.50 17.43 5.39
N SER A 33 0.33 17.46 4.75
CA SER A 33 -0.39 18.72 4.46
C SER A 33 -1.03 19.29 5.73
N GLY A 34 -1.47 18.43 6.67
CA GLY A 34 -2.29 18.88 7.81
C GLY A 34 -3.69 19.29 7.39
N GLU A 35 -4.10 18.92 6.17
CA GLU A 35 -5.42 19.35 5.60
C GLU A 35 -6.49 18.29 5.92
N LYS A 36 -7.60 18.75 6.51
CA LYS A 36 -8.88 17.99 6.54
C LYS A 36 -9.22 17.60 5.10
N VAL A 37 -9.51 16.32 4.89
CA VAL A 37 -9.79 15.72 3.56
C VAL A 37 -11.01 14.80 3.72
N TYR A 38 -11.93 14.91 2.77
CA TYR A 38 -13.13 14.06 2.64
C TYR A 38 -12.79 13.00 1.60
N LEU A 39 -13.02 11.73 1.93
CA LEU A 39 -12.66 10.57 1.10
C LEU A 39 -13.91 9.73 0.82
N THR A 40 -14.20 9.46 -0.44
CA THR A 40 -15.30 8.58 -0.88
C THR A 40 -14.72 7.43 -1.73
N LEU A 41 -15.04 6.17 -1.41
CA LEU A 41 -14.68 5.01 -2.27
C LEU A 41 -15.95 4.55 -2.95
N LYS A 42 -15.93 4.37 -4.25
CA LYS A 42 -17.17 4.01 -4.99
C LYS A 42 -16.92 2.72 -5.75
N PRO A 43 -17.97 1.89 -5.92
CA PRO A 43 -17.94 0.81 -6.89
C PRO A 43 -17.42 1.34 -8.23
N ALA A 44 -16.63 0.56 -8.95
CA ALA A 44 -16.21 0.80 -10.34
C ALA A 44 -16.50 -0.44 -11.17
N PRO A 45 -16.83 -0.31 -12.48
CA PRO A 45 -16.88 -1.46 -13.39
C PRO A 45 -15.65 -2.37 -13.56
N VAL A 46 -15.87 -3.50 -14.24
CA VAL A 46 -14.87 -4.55 -14.57
C VAL A 46 -13.71 -3.92 -15.35
N ASP A 47 -12.48 -4.29 -15.00
CA ASP A 47 -11.22 -3.87 -15.67
C ASP A 47 -11.01 -2.35 -15.52
N THR A 48 -11.57 -1.72 -14.50
CA THR A 48 -11.35 -0.27 -14.24
C THR A 48 -10.02 -0.06 -13.50
N GLY A 49 -9.65 -0.96 -12.61
CA GLY A 49 -8.50 -0.72 -11.72
C GLY A 49 -8.89 0.19 -10.57
N ILE A 50 -7.90 0.62 -9.79
CA ILE A 50 -8.08 1.65 -8.72
C ILE A 50 -7.72 3.01 -9.33
N VAL A 51 -8.68 3.93 -9.34
CA VAL A 51 -8.60 5.26 -10.01
C VAL A 51 -8.86 6.33 -8.94
N PHE A 52 -7.87 7.18 -8.67
CA PHE A 52 -7.95 8.31 -7.70
C PHE A 52 -8.54 9.53 -8.41
N SER A 53 -9.43 10.29 -7.78
CA SER A 53 -10.11 11.48 -8.38
C SER A 53 -9.95 12.69 -7.46
N ARG A 54 -9.42 13.81 -7.94
CA ARG A 54 -9.34 15.07 -7.18
C ARG A 54 -10.62 15.87 -7.46
N THR A 55 -11.64 15.75 -6.60
CA THR A 55 -13.00 16.27 -6.86
C THR A 55 -13.10 17.73 -6.42
N ASP A 56 -12.08 18.27 -5.75
CA ASP A 56 -12.03 19.69 -5.31
C ASP A 56 -11.78 20.59 -6.52
N LEU A 57 -11.18 20.04 -7.59
CA LEU A 57 -10.75 20.77 -8.81
C LEU A 57 -11.87 20.72 -9.85
N ASP A 58 -12.02 21.84 -10.56
CA ASP A 58 -12.93 22.00 -11.73
C ASP A 58 -12.07 22.33 -12.96
N PRO A 59 -12.01 21.41 -13.95
CA PRO A 59 -12.67 20.11 -13.81
C PRO A 59 -11.85 19.13 -12.95
N VAL A 60 -12.59 18.14 -12.46
CA VAL A 60 -12.16 16.89 -11.78
C VAL A 60 -10.93 16.32 -12.48
N VAL A 61 -9.88 15.93 -11.73
CA VAL A 61 -8.68 15.25 -12.28
C VAL A 61 -8.56 13.83 -11.72
N GLU A 62 -8.48 12.84 -12.63
CA GLU A 62 -8.44 11.39 -12.33
C GLU A 62 -7.04 10.87 -12.69
N ILE A 63 -6.41 10.12 -11.76
CA ILE A 63 -5.05 9.54 -11.91
C ILE A 63 -5.22 8.05 -11.63
N PRO A 64 -5.20 7.16 -12.63
CA PRO A 64 -5.08 5.74 -12.37
C PRO A 64 -3.90 5.48 -11.42
N ALA A 65 -4.10 4.58 -10.47
CA ALA A 65 -3.12 4.17 -9.44
C ALA A 65 -2.21 3.13 -10.07
N ARG A 66 -1.28 3.60 -10.91
CA ARG A 66 -0.37 2.75 -11.74
C ARG A 66 1.03 3.36 -11.75
N ALA A 67 2.05 2.52 -11.92
CA ALA A 67 3.46 2.93 -11.82
C ALA A 67 3.76 4.04 -12.81
N GLU A 68 3.13 4.01 -14.00
CA GLU A 68 3.27 5.10 -15.02
C GLU A 68 2.97 6.45 -14.38
N ASN A 69 2.17 6.53 -13.30
CA ASN A 69 1.72 7.84 -12.75
C ASN A 69 2.44 8.19 -11.44
N VAL A 70 3.46 7.45 -11.04
CA VAL A 70 4.18 7.81 -9.79
C VAL A 70 5.06 9.05 -10.05
N GLY A 71 5.02 10.02 -9.16
CA GLY A 71 5.91 11.20 -9.19
C GLY A 71 7.21 10.95 -8.45
N GLU A 72 8.16 11.88 -8.55
CA GLU A 72 9.53 11.80 -7.95
C GLU A 72 9.53 12.53 -6.61
N THR A 73 8.57 12.20 -5.74
CA THR A 73 8.47 12.73 -4.36
C THR A 73 9.45 11.93 -3.50
N THR A 74 9.90 12.50 -2.39
CA THR A 74 10.83 11.81 -1.46
C THR A 74 10.03 11.21 -0.28
N MET A 75 8.89 11.78 0.11
CA MET A 75 8.24 11.53 1.41
C MET A 75 7.28 10.32 1.36
N SER A 76 6.56 10.12 0.27
CA SER A 76 5.59 8.98 0.17
C SER A 76 5.37 8.63 -1.31
N THR A 77 4.54 7.62 -1.57
CA THR A 77 4.10 7.30 -2.95
C THR A 77 3.04 8.32 -3.38
N THR A 78 3.36 9.07 -4.44
CA THR A 78 2.57 10.22 -4.92
C THR A 78 2.20 9.96 -6.37
N LEU A 79 0.92 10.10 -6.70
CA LEU A 79 0.43 9.98 -8.09
C LEU A 79 0.36 11.38 -8.68
N VAL A 80 0.81 11.54 -9.93
N VAL A 80 0.83 11.54 -9.93
CA VAL A 80 0.86 12.88 -10.60
CA VAL A 80 0.91 12.86 -10.63
C VAL A 80 0.25 12.76 -12.00
C VAL A 80 0.23 12.75 -12.00
N LYS A 81 -0.41 13.85 -12.42
CA LYS A 81 -0.91 14.08 -13.81
C LYS A 81 -0.90 15.60 -14.00
N GLY A 82 -0.06 16.10 -14.89
CA GLY A 82 0.28 17.53 -14.94
C GLY A 82 0.94 17.98 -13.64
N ASP A 83 0.51 19.11 -13.10
CA ASP A 83 1.02 19.65 -11.81
C ASP A 83 -0.01 19.38 -10.70
N VAL A 84 -0.94 18.45 -10.96
CA VAL A 84 -1.90 17.87 -9.96
C VAL A 84 -1.26 16.60 -9.38
N LYS A 85 -1.41 16.36 -8.07
CA LYS A 85 -0.81 15.20 -7.35
C LYS A 85 -1.84 14.61 -6.37
N VAL A 86 -1.57 13.39 -5.90
CA VAL A 86 -2.26 12.76 -4.75
C VAL A 86 -1.17 12.10 -3.92
N ASP A 87 -1.02 12.52 -2.67
CA ASP A 87 0.12 12.13 -1.80
C ASP A 87 -0.30 10.98 -0.91
N THR A 88 0.65 10.09 -0.62
CA THR A 88 0.57 9.10 0.49
C THR A 88 -0.61 8.18 0.17
N VAL A 89 -0.54 7.51 -0.98
CA VAL A 89 -1.60 6.57 -1.44
C VAL A 89 -1.32 5.14 -0.96
N GLU A 90 -0.13 4.87 -0.39
CA GLU A 90 0.37 3.48 -0.26
C GLU A 90 -0.46 2.70 0.78
N HIS A 91 -0.97 3.35 1.84
CA HIS A 91 -1.68 2.67 2.96
C HIS A 91 -3.06 2.22 2.48
N LEU A 92 -3.74 3.09 1.73
CA LEU A 92 -5.09 2.79 1.18
C LEU A 92 -4.94 1.70 0.13
N LEU A 93 -4.00 1.87 -0.79
CA LEU A 93 -3.74 0.92 -1.91
C LEU A 93 -3.41 -0.45 -1.31
N SER A 94 -2.81 -0.41 -0.12
CA SER A 94 -2.39 -1.61 0.66
C SER A 94 -3.64 -2.34 1.16
N ALA A 95 -4.63 -1.59 1.65
CA ALA A 95 -5.90 -2.11 2.17
C ALA A 95 -6.72 -2.70 1.01
N MET A 96 -6.61 -2.14 -0.18
CA MET A 96 -7.40 -2.65 -1.33
C MET A 96 -6.78 -3.93 -1.86
N ALA A 97 -5.45 -4.03 -1.82
CA ALA A 97 -4.66 -5.22 -2.17
C ALA A 97 -4.93 -6.35 -1.15
N GLY A 98 -4.82 -6.03 0.13
CA GLY A 98 -5.17 -6.97 1.21
C GLY A 98 -6.50 -7.62 0.91
N LEU A 99 -7.51 -6.85 0.49
CA LEU A 99 -8.91 -7.35 0.42
C LEU A 99 -9.22 -7.82 -1.00
N GLY A 100 -8.29 -7.62 -1.94
CA GLY A 100 -8.41 -8.14 -3.32
C GLY A 100 -9.43 -7.34 -4.10
N ILE A 101 -9.44 -6.03 -3.88
CA ILE A 101 -10.27 -5.11 -4.73
C ILE A 101 -9.51 -4.73 -6.00
N ASP A 102 -10.03 -5.19 -7.13
CA ASP A 102 -9.59 -4.81 -8.49
C ASP A 102 -10.13 -3.43 -8.86
N ASN A 103 -11.42 -3.17 -8.64
CA ASN A 103 -12.13 -2.01 -9.25
C ASN A 103 -12.72 -1.10 -8.18
N ALA A 104 -12.44 0.22 -8.25
CA ALA A 104 -12.90 1.22 -7.26
C ALA A 104 -12.41 2.62 -7.62
N TYR A 105 -13.32 3.60 -7.63
CA TYR A 105 -13.01 5.06 -7.68
C TYR A 105 -12.73 5.55 -6.27
N VAL A 106 -11.63 6.27 -6.08
CA VAL A 106 -11.20 6.85 -4.78
C VAL A 106 -11.28 8.37 -4.94
N GLU A 107 -12.33 9.00 -4.42
CA GLU A 107 -12.51 10.47 -4.52
C GLU A 107 -11.90 11.13 -3.28
N LEU A 108 -11.17 12.22 -3.48
CA LEU A 108 -10.49 13.05 -2.44
C LEU A 108 -10.90 14.50 -2.64
N SER A 109 -11.12 15.24 -1.55
CA SER A 109 -11.40 16.70 -1.51
C SER A 109 -10.09 17.51 -1.42
N ALA A 110 -8.91 16.87 -1.39
CA ALA A 110 -7.60 17.54 -1.15
C ALA A 110 -6.45 16.67 -1.68
N SER A 111 -5.20 17.14 -1.57
CA SER A 111 -4.06 16.57 -2.36
C SER A 111 -3.58 15.28 -1.72
N GLU A 112 -3.92 15.04 -0.46
CA GLU A 112 -3.29 14.00 0.37
C GLU A 112 -4.39 13.08 0.92
N VAL A 113 -4.22 11.76 0.75
CA VAL A 113 -5.05 10.71 1.42
C VAL A 113 -4.94 10.93 2.92
N PRO A 114 -6.03 10.82 3.73
CA PRO A 114 -5.93 10.99 5.17
C PRO A 114 -5.10 9.85 5.80
N ILE A 115 -4.45 10.13 6.93
CA ILE A 115 -3.47 9.19 7.54
C ILE A 115 -4.16 8.26 8.53
N MET A 116 -5.31 8.67 9.09
CA MET A 116 -6.14 7.88 10.05
C MET A 116 -5.29 7.59 11.30
N ASP A 117 -5.11 6.33 11.71
CA ASP A 117 -4.28 5.90 12.87
C ASP A 117 -2.83 5.65 12.47
N GLY A 118 -2.47 5.85 11.20
CA GLY A 118 -1.12 5.58 10.65
C GLY A 118 -1.01 4.25 9.93
N SER A 119 -2.04 3.41 9.98
CA SER A 119 -2.05 2.03 9.44
C SER A 119 -3.06 1.92 8.28
N ALA A 120 -3.46 0.70 7.91
CA ALA A 120 -4.48 0.40 6.87
C ALA A 120 -5.75 -0.12 7.56
N GLY A 121 -5.75 -0.14 8.89
CA GLY A 121 -6.81 -0.75 9.72
C GLY A 121 -8.16 -0.10 9.45
N PRO A 122 -8.23 1.22 9.73
CA PRO A 122 -9.46 2.00 9.49
C PRO A 122 -10.06 1.78 8.09
N PHE A 123 -9.25 1.95 7.05
CA PHE A 123 -9.58 1.68 5.62
C PHE A 123 -10.12 0.25 5.40
N VAL A 124 -9.41 -0.77 5.88
CA VAL A 124 -9.86 -2.20 5.84
C VAL A 124 -11.25 -2.31 6.49
N PHE A 125 -11.41 -1.72 7.67
CA PHE A 125 -12.68 -1.76 8.43
C PHE A 125 -13.82 -1.11 7.61
N LEU A 126 -13.64 0.13 7.17
CA LEU A 126 -14.69 0.84 6.40
C LEU A 126 -15.07 -0.04 5.21
N ILE A 127 -14.08 -0.47 4.44
CA ILE A 127 -14.29 -1.31 3.21
C ILE A 127 -15.12 -2.53 3.59
N GLN A 128 -14.70 -3.24 4.63
CA GLN A 128 -15.32 -4.53 5.00
C GLN A 128 -16.66 -4.28 5.71
N SER A 129 -16.91 -3.09 6.23
CA SER A 129 -18.24 -2.69 6.79
C SER A 129 -19.24 -2.54 5.63
N ALA A 130 -18.79 -1.95 4.52
CA ALA A 130 -19.52 -1.83 3.24
C ALA A 130 -19.66 -3.21 2.56
N GLY A 131 -18.66 -4.06 2.69
CA GLY A 131 -18.60 -5.37 2.01
C GLY A 131 -18.25 -5.19 0.54
N LEU A 132 -17.87 -6.28 -0.13
CA LEU A 132 -17.46 -6.28 -1.56
C LEU A 132 -18.51 -7.02 -2.42
N GLN A 133 -18.37 -6.83 -3.73
CA GLN A 133 -19.27 -7.38 -4.75
C GLN A 133 -18.40 -8.12 -5.76
N GLU A 134 -18.60 -9.43 -5.91
CA GLU A 134 -18.01 -10.18 -7.04
C GLU A 134 -18.64 -9.67 -8.33
N GLN A 135 -17.84 -9.42 -9.36
CA GLN A 135 -18.29 -9.01 -10.71
C GLN A 135 -18.11 -10.16 -11.70
N GLU A 136 -18.85 -10.12 -12.81
CA GLU A 136 -18.83 -11.20 -13.83
C GLU A 136 -17.68 -10.96 -14.80
N ALA A 137 -16.45 -11.27 -14.36
CA ALA A 137 -15.22 -11.34 -15.19
C ALA A 137 -14.11 -12.01 -14.38
N ALA A 138 -13.17 -12.65 -15.07
CA ALA A 138 -11.96 -13.24 -14.47
C ALA A 138 -11.10 -12.11 -13.89
N LYS A 139 -10.68 -12.28 -12.64
CA LYS A 139 -9.65 -11.46 -11.96
C LYS A 139 -8.31 -11.80 -12.62
N LYS A 140 -7.53 -10.78 -12.96
CA LYS A 140 -6.23 -10.94 -13.67
C LYS A 140 -5.14 -10.86 -12.62
N PHE A 141 -4.14 -11.74 -12.73
CA PHE A 141 -2.98 -11.86 -11.82
C PHE A 141 -1.71 -11.59 -12.62
N ILE A 142 -0.74 -10.90 -12.02
CA ILE A 142 0.65 -10.75 -12.57
C ILE A 142 1.50 -11.87 -11.98
N ARG A 143 1.94 -12.83 -12.78
CA ARG A 143 2.79 -13.97 -12.31
C ARG A 143 4.24 -13.72 -12.69
N ILE A 144 5.08 -13.54 -11.67
CA ILE A 144 6.57 -13.49 -11.75
C ILE A 144 7.06 -14.83 -12.33
N LYS A 145 7.71 -14.80 -13.50
CA LYS A 145 8.26 -15.96 -14.24
C LYS A 145 9.77 -16.07 -13.99
N ARG A 146 10.44 -14.92 -13.78
CA ARG A 146 11.90 -14.86 -13.57
C ARG A 146 12.23 -13.96 -12.37
N GLU A 147 13.47 -14.06 -11.89
CA GLU A 147 14.00 -13.18 -10.83
C GLU A 147 14.25 -11.79 -11.44
N VAL A 148 13.66 -10.76 -10.82
CA VAL A 148 13.89 -9.33 -11.13
C VAL A 148 14.36 -8.69 -9.84
N SER A 149 15.50 -8.01 -9.85
CA SER A 149 16.10 -7.43 -8.64
C SER A 149 16.58 -6.02 -8.94
N VAL A 150 16.70 -5.17 -7.93
CA VAL A 150 17.30 -3.82 -8.09
C VAL A 150 18.03 -3.46 -6.80
N GLU A 151 19.09 -2.70 -6.95
CA GLU A 151 20.01 -2.28 -5.86
C GLU A 151 20.28 -0.78 -6.03
N GLU A 152 20.61 -0.12 -4.93
CA GLU A 152 21.15 1.26 -4.98
C GLU A 152 21.84 1.49 -3.64
N GLY A 153 23.17 1.62 -3.64
CA GLY A 153 24.01 1.52 -2.44
C GLY A 153 23.74 0.21 -1.75
N ASP A 154 23.25 0.28 -0.51
CA ASP A 154 23.00 -0.86 0.43
C ASP A 154 21.53 -1.37 0.38
N LYS A 155 20.63 -0.68 -0.34
CA LYS A 155 19.19 -1.05 -0.43
C LYS A 155 19.00 -2.00 -1.62
N ARG A 156 18.23 -3.05 -1.42
CA ARG A 156 17.93 -4.08 -2.43
C ARG A 156 16.41 -4.31 -2.41
N ALA A 157 15.82 -4.61 -3.56
CA ALA A 157 14.41 -5.02 -3.70
C ALA A 157 14.30 -6.03 -4.85
N VAL A 158 13.57 -7.14 -4.65
CA VAL A 158 13.61 -8.34 -5.55
C VAL A 158 12.21 -8.91 -5.70
N PHE A 159 11.83 -9.27 -6.93
CA PHE A 159 10.73 -10.23 -7.21
C PHE A 159 11.35 -11.59 -7.46
N VAL A 160 10.59 -12.66 -7.19
CA VAL A 160 11.06 -14.07 -7.21
C VAL A 160 9.86 -14.97 -7.50
N PRO A 161 9.94 -15.87 -8.49
CA PRO A 161 8.81 -16.77 -8.76
C PRO A 161 8.46 -17.48 -7.45
N PHE A 162 7.16 -17.54 -7.15
CA PHE A 162 6.58 -18.18 -5.96
C PHE A 162 5.12 -18.51 -6.26
N ASP A 163 4.71 -19.76 -6.09
CA ASP A 163 3.31 -20.22 -6.36
C ASP A 163 2.45 -19.83 -5.15
N GLY A 164 1.96 -18.59 -5.18
CA GLY A 164 1.29 -17.91 -4.06
C GLY A 164 1.74 -16.46 -3.98
N PHE A 165 1.62 -15.84 -2.82
CA PHE A 165 2.03 -14.43 -2.61
C PHE A 165 2.67 -14.33 -1.24
N LYS A 166 3.91 -13.82 -1.21
CA LYS A 166 4.67 -13.66 0.04
C LYS A 166 5.61 -12.44 -0.07
N VAL A 167 5.74 -11.71 1.05
CA VAL A 167 6.49 -10.44 1.19
C VAL A 167 7.47 -10.64 2.32
N SER A 168 8.75 -10.35 2.11
CA SER A 168 9.81 -10.57 3.13
C SER A 168 10.62 -9.30 3.21
N PHE A 169 10.96 -8.84 4.40
CA PHE A 169 11.51 -7.49 4.55
C PHE A 169 12.49 -7.42 5.70
N GLU A 170 13.52 -6.60 5.51
CA GLU A 170 14.56 -6.41 6.53
C GLU A 170 14.86 -4.92 6.58
N ILE A 171 14.92 -4.38 7.78
CA ILE A 171 15.43 -2.99 7.99
C ILE A 171 16.57 -3.15 8.98
N ASP A 172 17.44 -2.14 9.12
CA ASP A 172 18.61 -2.16 10.03
C ASP A 172 18.90 -0.72 10.45
N PHE A 173 18.22 -0.23 11.47
CA PHE A 173 18.51 1.08 12.08
C PHE A 173 19.44 0.81 13.26
N ASP A 174 20.47 1.64 13.43
CA ASP A 174 21.36 1.58 14.62
C ASP A 174 20.71 2.51 15.64
N HIS A 175 19.80 1.93 16.43
CA HIS A 175 18.87 2.63 17.34
C HIS A 175 18.48 1.67 18.47
N PRO A 176 18.56 2.12 19.74
CA PRO A 176 18.22 1.28 20.91
C PRO A 176 16.90 0.51 20.81
N VAL A 177 15.92 1.11 20.12
CA VAL A 177 14.55 0.56 19.92
C VAL A 177 14.58 -0.69 19.04
N PHE A 178 15.71 -1.00 18.38
CA PHE A 178 16.01 -2.30 17.72
C PHE A 178 17.29 -2.90 18.33
N ARG A 181 14.66 -5.45 19.28
CA ARG A 181 13.40 -5.95 18.66
C ARG A 181 13.73 -6.50 17.26
N THR A 182 12.75 -7.14 16.59
CA THR A 182 12.94 -7.82 15.27
C THR A 182 12.91 -6.77 14.15
N GLN A 183 13.96 -6.73 13.33
CA GLN A 183 14.05 -5.87 12.12
C GLN A 183 13.85 -6.74 10.87
N GLN A 184 13.38 -7.97 11.03
CA GLN A 184 13.06 -8.91 9.94
C GLN A 184 11.66 -9.52 10.15
N ALA A 185 11.01 -9.90 9.05
CA ALA A 185 9.70 -10.59 9.02
C ALA A 185 9.46 -11.17 7.62
N SER A 186 8.62 -12.19 7.55
CA SER A 186 8.20 -12.84 6.28
C SER A 186 6.77 -13.33 6.48
N VAL A 187 5.88 -12.93 5.58
CA VAL A 187 4.44 -13.31 5.59
CA VAL A 187 4.45 -13.33 5.60
C VAL A 187 4.11 -14.06 4.30
N ASP A 188 3.53 -15.26 4.40
CA ASP A 188 2.85 -15.93 3.27
C ASP A 188 1.35 -15.65 3.44
N PHE A 189 0.69 -15.00 2.49
CA PHE A 189 -0.69 -14.54 2.70
C PHE A 189 -1.69 -15.68 2.47
N SER A 190 -1.23 -16.93 2.38
CA SER A 190 -2.11 -18.11 2.24
C SER A 190 -2.14 -18.90 3.57
N SER A 191 -1.49 -18.40 4.62
CA SER A 191 -1.68 -18.82 6.03
C SER A 191 -1.83 -17.60 6.95
N THR A 192 -0.91 -16.63 6.90
CA THR A 192 -1.01 -15.36 7.66
C THR A 192 -2.16 -14.49 7.10
N SER A 193 -3.04 -13.99 7.98
CA SER A 193 -4.13 -13.03 7.62
C SER A 193 -3.59 -11.60 7.61
N PHE A 194 -3.69 -10.94 6.46
CA PHE A 194 -3.30 -9.51 6.26
C PHE A 194 -4.04 -8.65 7.28
N VAL A 195 -5.35 -8.85 7.39
CA VAL A 195 -6.25 -8.12 8.34
C VAL A 195 -5.65 -8.20 9.75
N LYS A 196 -5.43 -9.42 10.27
CA LYS A 196 -5.03 -9.61 11.69
C LYS A 196 -3.58 -9.12 11.87
N GLU A 197 -2.68 -9.43 10.93
CA GLU A 197 -1.22 -9.54 11.23
C GLU A 197 -0.41 -8.40 10.61
N VAL A 198 -0.90 -7.68 9.59
CA VAL A 198 -0.15 -6.57 8.94
C VAL A 198 -0.89 -5.25 9.03
N SER A 199 -2.23 -5.25 8.93
CA SER A 199 -3.02 -4.06 8.51
C SER A 199 -2.92 -2.97 9.58
N ARG A 200 -2.83 -3.36 10.84
CA ARG A 200 -2.81 -2.44 12.01
C ARG A 200 -1.40 -1.92 12.26
N ALA A 201 -0.43 -2.26 11.42
CA ALA A 201 0.96 -1.81 11.64
C ALA A 201 1.04 -0.34 11.23
N ARG A 202 1.43 0.54 12.17
CA ARG A 202 1.43 2.03 11.98
C ARG A 202 2.75 2.51 11.35
N THR A 203 2.72 3.56 10.52
CA THR A 203 3.94 4.33 10.12
C THR A 203 4.60 4.89 11.38
N PHE A 204 5.91 5.13 11.32
CA PHE A 204 6.76 5.53 12.47
C PHE A 204 7.64 6.72 12.06
N GLY A 205 8.13 7.46 13.04
CA GLY A 205 8.98 8.65 12.81
C GLY A 205 9.88 8.91 14.00
N PHE A 206 11.12 9.33 13.75
CA PHE A 206 12.12 9.75 14.77
C PHE A 206 11.97 11.24 15.05
N MET A 207 11.99 11.64 16.32
CA MET A 207 11.96 13.07 16.75
C MET A 207 12.91 13.92 15.89
N ARG A 208 14.17 13.54 15.76
CA ARG A 208 15.19 14.30 14.98
C ARG A 208 14.62 14.64 13.59
N ASP A 209 14.01 13.65 12.92
CA ASP A 209 13.49 13.74 11.53
C ASP A 209 12.21 14.57 11.49
N ILE A 210 11.29 14.27 12.40
CA ILE A 210 9.99 14.99 12.52
C ILE A 210 10.26 16.49 12.74
N GLU A 211 11.30 16.86 13.50
CA GLU A 211 11.70 18.27 13.79
C GLU A 211 12.22 18.96 12.52
N TYR A 212 12.98 18.26 11.69
CA TYR A 212 13.48 18.85 10.43
C TYR A 212 12.28 19.08 9.51
N LEU A 213 11.44 18.06 9.35
CA LEU A 213 10.27 18.12 8.43
C LEU A 213 9.34 19.27 8.87
N ARG A 214 9.14 19.43 10.18
CA ARG A 214 8.29 20.52 10.74
C ARG A 214 8.85 21.86 10.28
N SER A 215 10.19 22.02 10.34
CA SER A 215 10.96 23.27 10.04
C SER A 215 10.94 23.53 8.54
N GLN A 216 10.77 22.48 7.72
CA GLN A 216 10.51 22.59 6.25
C GLN A 216 9.00 22.69 5.97
N ASN A 217 8.14 22.83 7.00
CA ASN A 217 6.67 22.98 6.86
C ASN A 217 6.04 21.68 6.30
N LEU A 218 6.65 20.51 6.58
CA LEU A 218 6.09 19.16 6.28
C LEU A 218 5.71 18.47 7.60
N ALA A 219 5.11 17.28 7.51
CA ALA A 219 4.49 16.51 8.62
C ALA A 219 3.48 17.36 9.42
N LEU A 220 2.65 18.18 8.77
CA LEU A 220 1.77 19.15 9.47
C LEU A 220 0.59 18.45 10.15
N GLY A 221 0.21 17.25 9.70
CA GLY A 221 -0.88 16.47 10.32
C GLY A 221 -0.41 15.42 11.32
N GLY A 222 0.89 15.21 11.50
CA GLY A 222 1.43 14.10 12.33
C GLY A 222 1.19 14.31 13.82
N SER A 223 0.84 13.23 14.52
CA SER A 223 0.66 13.16 15.99
C SER A 223 0.73 11.72 16.45
N VAL A 224 0.93 11.48 17.74
CA VAL A 224 0.86 10.12 18.35
C VAL A 224 -0.42 9.45 17.84
N GLU A 225 -1.45 10.21 17.47
CA GLU A 225 -2.77 9.66 17.05
C GLU A 225 -2.60 8.87 15.73
N ASN A 226 -1.58 9.17 14.92
CA ASN A 226 -1.44 8.59 13.55
C ASN A 226 -0.04 8.05 13.29
N ALA A 227 0.88 8.09 14.24
CA ALA A 227 2.28 7.66 14.03
C ALA A 227 2.86 7.13 15.33
N ILE A 228 3.65 6.06 15.26
CA ILE A 228 4.57 5.69 16.37
C ILE A 228 5.66 6.76 16.41
N VAL A 229 5.82 7.49 17.52
CA VAL A 229 6.87 8.54 17.63
C VAL A 229 8.01 7.99 18.48
N VAL A 230 9.22 8.05 17.95
CA VAL A 230 10.45 7.44 18.54
C VAL A 230 11.47 8.55 18.77
N ASP A 231 11.76 8.91 20.02
CA ASP A 231 12.97 9.74 20.31
C ASP A 231 14.19 8.80 20.32
N GLU A 232 15.32 9.32 20.81
CA GLU A 232 16.66 8.66 20.98
C GLU A 232 16.59 7.18 21.39
N ASN A 233 15.70 6.82 22.33
CA ASN A 233 15.74 5.57 23.14
C ASN A 233 14.47 4.73 23.00
N ARG A 234 13.29 5.35 23.01
CA ARG A 234 12.01 4.65 23.29
C ARG A 234 10.89 5.18 22.38
N VAL A 235 9.83 4.38 22.24
CA VAL A 235 8.49 4.83 21.75
C VAL A 235 7.96 5.86 22.75
N LEU A 236 7.53 7.02 22.30
CA LEU A 236 6.91 8.04 23.18
C LEU A 236 5.39 7.83 23.27
N ASN A 237 4.77 7.16 22.29
CA ASN A 237 3.33 6.81 22.36
C ASN A 237 3.02 6.13 23.68
N GLU A 238 2.19 6.76 24.50
CA GLU A 238 1.82 6.34 25.89
C GLU A 238 1.45 4.86 25.96
N ASP A 239 0.79 4.29 24.93
CA ASP A 239 0.25 2.90 24.95
C ASP A 239 1.05 2.00 24.02
N GLY A 240 2.26 2.42 23.64
CA GLY A 240 3.30 1.57 23.03
C GLY A 240 2.89 1.00 21.68
N LEU A 241 3.26 -0.26 21.43
CA LEU A 241 3.22 -0.89 20.09
C LEU A 241 2.07 -1.89 20.07
N ARG A 242 1.60 -2.20 18.85
CA ARG A 242 0.50 -3.16 18.56
C ARG A 242 1.09 -4.55 18.28
N TYR A 243 2.28 -4.60 17.70
CA TYR A 243 3.04 -5.83 17.39
C TYR A 243 4.49 -5.64 17.88
N GLU A 244 5.15 -6.70 18.35
CA GLU A 244 6.58 -6.66 18.78
C GLU A 244 7.40 -6.13 17.60
N ASP A 245 7.03 -6.55 16.38
CA ASP A 245 7.75 -6.23 15.11
C ASP A 245 7.00 -5.15 14.27
N GLU A 246 6.32 -4.20 14.89
CA GLU A 246 5.45 -3.25 14.15
C GLU A 246 6.24 -2.56 13.01
N PHE A 247 7.43 -2.03 13.31
CA PHE A 247 8.22 -1.22 12.37
C PHE A 247 8.37 -1.99 11.06
N VAL A 248 8.91 -3.21 11.12
CA VAL A 248 9.15 -3.99 9.89
C VAL A 248 7.80 -4.48 9.33
N LYS A 249 6.79 -4.73 10.16
CA LYS A 249 5.45 -5.12 9.66
C LYS A 249 4.85 -3.96 8.84
N HIS A 250 5.10 -2.69 9.24
CA HIS A 250 4.59 -1.52 8.50
C HIS A 250 5.32 -1.37 7.16
N LYS A 251 6.63 -1.63 7.11
CA LYS A 251 7.39 -1.71 5.83
C LYS A 251 6.73 -2.75 4.89
N ILE A 252 6.27 -3.89 5.43
CA ILE A 252 5.56 -4.91 4.60
C ILE A 252 4.25 -4.28 4.10
N LEU A 253 3.53 -3.53 4.93
CA LEU A 253 2.29 -2.82 4.53
C LEU A 253 2.60 -1.88 3.35
N ASP A 254 3.55 -0.95 3.51
CA ASP A 254 3.91 0.01 2.43
C ASP A 254 4.15 -0.78 1.12
N ALA A 255 4.95 -1.85 1.20
CA ALA A 255 5.38 -2.64 0.03
C ALA A 255 4.16 -3.29 -0.66
N ILE A 256 3.21 -3.83 0.09
CA ILE A 256 2.03 -4.48 -0.54
C ILE A 256 1.26 -3.41 -1.29
N GLY A 257 1.16 -2.22 -0.70
CA GLY A 257 0.54 -1.05 -1.32
C GLY A 257 1.24 -0.67 -2.60
N ASP A 258 2.58 -0.56 -2.57
CA ASP A 258 3.44 -0.15 -3.72
C ASP A 258 3.32 -1.19 -4.84
N LEU A 259 3.31 -2.48 -4.49
CA LEU A 259 3.19 -3.59 -5.47
C LEU A 259 1.88 -3.43 -6.24
N TYR A 260 0.87 -2.79 -5.68
CA TYR A 260 -0.49 -2.80 -6.28
C TYR A 260 -0.55 -1.75 -7.39
N LEU A 261 0.36 -0.78 -7.41
CA LEU A 261 0.53 0.13 -8.57
C LEU A 261 0.72 -0.69 -9.85
N LEU A 262 0.99 -2.00 -9.77
CA LEU A 262 1.02 -2.90 -10.95
C LEU A 262 -0.38 -3.03 -11.57
N GLY A 263 -1.46 -2.78 -10.82
CA GLY A 263 -2.82 -2.72 -11.36
C GLY A 263 -3.54 -4.07 -11.31
N ASN A 264 -2.85 -5.13 -10.92
CA ASN A 264 -3.43 -6.47 -10.69
C ASN A 264 -2.66 -7.13 -9.52
N SER A 265 -3.30 -8.06 -8.80
CA SER A 265 -2.68 -8.83 -7.67
C SER A 265 -1.49 -9.65 -8.18
N LEU A 266 -0.55 -9.90 -7.31
CA LEU A 266 0.72 -10.58 -7.62
C LEU A 266 0.67 -12.07 -7.21
N ILE A 267 1.10 -12.94 -8.15
CA ILE A 267 1.54 -14.34 -7.89
C ILE A 267 3.08 -14.36 -7.93
N GLY A 268 3.70 -14.40 -6.77
CA GLY A 268 5.16 -14.29 -6.65
C GLY A 268 5.56 -13.85 -5.27
N GLU A 269 6.86 -13.72 -5.06
CA GLU A 269 7.42 -13.32 -3.74
C GLU A 269 8.06 -11.95 -3.86
N PHE A 270 7.95 -11.12 -2.84
CA PHE A 270 8.71 -9.84 -2.77
C PHE A 270 9.75 -9.94 -1.67
N ARG A 271 10.95 -9.42 -1.89
CA ARG A 271 11.99 -9.34 -0.82
C ARG A 271 12.53 -7.92 -0.83
N GLY A 272 12.40 -7.23 0.29
CA GLY A 272 12.93 -5.86 0.44
C GLY A 272 14.01 -5.85 1.48
N PHE A 273 15.16 -5.25 1.21
CA PHE A 273 16.19 -5.02 2.25
C PHE A 273 16.47 -3.52 2.34
N LYS A 274 16.03 -2.87 3.43
CA LYS A 274 16.14 -1.40 3.67
C LYS A 274 15.52 -0.61 2.51
N SER A 275 14.61 -1.23 1.75
CA SER A 275 13.99 -0.61 0.55
C SER A 275 12.93 0.41 1.00
N GLY A 276 12.61 1.39 0.17
CA GLY A 276 11.48 2.31 0.36
C GLY A 276 10.69 2.50 -0.94
N HIS A 277 9.87 3.55 -1.05
CA HIS A 277 8.93 3.77 -2.20
C HIS A 277 9.74 4.06 -3.49
N ALA A 278 10.87 4.77 -3.40
CA ALA A 278 11.76 5.05 -4.55
C ALA A 278 12.18 3.72 -5.20
N LEU A 279 12.94 2.89 -4.48
CA LEU A 279 13.49 1.61 -5.02
C LEU A 279 12.35 0.63 -5.32
N ASN A 280 11.31 0.55 -4.49
CA ASN A 280 10.08 -0.22 -4.84
C ASN A 280 9.60 0.20 -6.24
N ASN A 281 9.55 1.50 -6.50
CA ASN A 281 9.09 2.04 -7.80
C ASN A 281 10.09 1.65 -8.91
N GLN A 282 11.40 1.65 -8.65
CA GLN A 282 12.41 1.17 -9.64
C GLN A 282 12.14 -0.31 -9.97
N LEU A 283 11.70 -1.10 -8.99
CA LEU A 283 11.46 -2.56 -9.19
C LEU A 283 10.26 -2.76 -10.11
N LEU A 284 9.16 -2.07 -9.82
CA LEU A 284 7.95 -2.21 -10.66
C LEU A 284 8.28 -1.84 -12.11
N ARG A 285 9.00 -0.74 -12.30
CA ARG A 285 9.39 -0.21 -13.64
C ARG A 285 10.18 -1.30 -14.39
N THR A 286 11.29 -1.74 -13.80
CA THR A 286 12.14 -2.82 -14.35
C THR A 286 11.28 -4.03 -14.66
N LEU A 287 10.39 -4.41 -13.73
CA LEU A 287 9.56 -5.63 -13.90
C LEU A 287 8.68 -5.42 -15.12
N ILE A 288 7.91 -4.33 -15.12
CA ILE A 288 6.93 -4.04 -16.19
C ILE A 288 7.67 -4.11 -17.53
N ALA A 289 8.87 -3.52 -17.57
CA ALA A 289 9.75 -3.41 -18.76
C ALA A 289 10.23 -4.79 -19.24
N ASP A 290 10.54 -5.72 -18.34
CA ASP A 290 11.11 -7.04 -18.71
C ASP A 290 9.97 -8.05 -18.84
N LYS A 291 9.37 -8.16 -20.03
CA LYS A 291 8.12 -8.95 -20.23
C LYS A 291 8.44 -10.44 -20.23
N ASP A 292 9.72 -10.82 -20.29
CA ASP A 292 10.18 -12.22 -20.12
C ASP A 292 9.94 -12.67 -18.67
N ALA A 293 9.79 -11.72 -17.74
CA ALA A 293 9.84 -11.99 -16.29
C ALA A 293 8.42 -12.12 -15.73
N TRP A 294 7.39 -11.87 -16.54
CA TRP A 294 5.98 -11.89 -16.04
C TRP A 294 4.99 -12.14 -17.18
N GLU A 295 3.82 -12.66 -16.81
CA GLU A 295 2.69 -12.96 -17.71
C GLU A 295 1.40 -12.64 -16.95
N VAL A 296 0.32 -12.27 -17.64
CA VAL A 296 -1.02 -12.10 -17.00
C VAL A 296 -1.73 -13.47 -17.03
N VAL A 297 -2.28 -13.92 -15.90
CA VAL A 297 -3.00 -15.23 -15.77
C VAL A 297 -4.33 -15.05 -15.04
N THR A 298 -5.34 -15.84 -15.44
CA THR A 298 -6.65 -16.00 -14.77
C THR A 298 -6.79 -17.44 -14.28
N PHE A 299 -7.74 -17.71 -13.40
CA PHE A 299 -7.98 -19.03 -12.78
C PHE A 299 -9.45 -19.42 -12.95
N GLU A 300 -9.75 -20.25 -13.96
CA GLU A 300 -11.12 -20.79 -14.25
C GLU A 300 -11.59 -21.72 -13.10
N ASP A 301 -10.68 -22.32 -12.31
CA ASP A 301 -11.02 -23.19 -11.15
C ASP A 301 -10.28 -22.76 -9.86
N ALA A 302 -10.96 -22.01 -8.98
CA ALA A 302 -10.40 -21.43 -7.74
C ALA A 302 -9.89 -22.52 -6.80
N ARG A 303 -10.36 -23.76 -6.98
CA ARG A 303 -10.03 -24.90 -6.08
C ARG A 303 -8.55 -25.25 -6.24
N THR A 304 -7.94 -24.88 -7.39
CA THR A 304 -6.58 -25.27 -7.81
C THR A 304 -5.67 -24.03 -7.92
N ALA A 305 -6.19 -22.82 -7.74
CA ALA A 305 -5.42 -21.55 -7.64
C ALA A 305 -4.43 -21.65 -6.47
N PRO A 306 -3.24 -21.01 -6.56
CA PRO A 306 -2.28 -21.00 -5.45
C PRO A 306 -2.65 -20.02 -4.33
N ILE A 307 -3.61 -19.11 -4.57
CA ILE A 307 -4.10 -18.13 -3.56
C ILE A 307 -5.63 -18.28 -3.45
N SER A 308 -6.19 -18.00 -2.27
CA SER A 308 -7.65 -17.99 -2.03
C SER A 308 -8.04 -16.66 -1.33
N TYR A 309 -9.32 -16.27 -1.42
CA TYR A 309 -9.85 -14.98 -0.91
C TYR A 309 -10.94 -15.25 0.13
N MET A 310 -11.10 -14.32 1.07
CA MET A 310 -12.22 -14.27 2.06
C MET A 310 -13.54 -14.27 1.27
N ARG A 311 -14.64 -14.72 1.89
CA ARG A 311 -16.02 -14.49 1.35
C ARG A 311 -16.18 -12.98 1.13
N PRO A 312 -17.03 -12.54 0.16
CA PRO A 312 -17.17 -11.11 -0.15
C PRO A 312 -17.89 -10.35 0.97
ZN ZN B . 3.72 3.74 5.48
C1 8IY C . 2.25 16.93 17.51
C2 8IY C . 3.75 16.75 17.36
C3 8IY C . 5.62 16.25 18.77
C4 8IY C . 4.06 15.84 16.17
C5 8IY C . 4.49 16.38 14.97
C6 8IY C . 4.76 15.56 13.89
C7 8IY C . 4.60 14.19 13.97
O1 8IY C . 1.85 17.83 16.51
O2 8IY C . 4.19 16.24 18.61
C8 8IY C . 4.90 13.33 12.85
C9 8IY C . 5.29 12.67 11.91
C10 8IY C . 5.86 11.84 10.89
C11 8IY C . 6.60 12.40 9.85
C12 8IY C . 7.19 11.61 8.88
C13 8IY C . 7.03 10.23 8.90
C14 8IY C . 7.70 9.40 7.85
N1 8IY C . 8.25 8.25 8.25
C15 8IY C . 9.09 7.39 7.42
C16 8IY C . 9.36 6.06 8.10
N2 8IY C . 10.36 5.19 7.43
C17 8IY C . 11.69 5.47 7.49
C18 8IY C . 12.16 6.48 8.46
C19 8IY C . 13.64 6.62 8.73
C20 8IY C . 12.96 7.63 7.91
O3 8IY C . 12.44 4.88 6.72
C21 8IY C . 9.78 4.07 6.69
C22 8IY C . 8.26 4.28 6.88
N3 8IY C . 7.59 4.86 5.73
C23 8IY C . 6.27 4.97 5.64
C24 8IY C . 5.75 5.55 4.34
N4 8IY C . 4.30 5.38 4.23
C25 8IY C . 3.63 6.56 4.83
C26 8IY C . 4.73 7.54 5.15
F1 8IY C . 5.12 7.43 6.49
C27 8IY C . 5.88 7.08 4.30
O4 8IY C . 5.49 4.64 6.54
C28 8IY C . 8.13 5.17 8.12
O5 8IY C . 7.82 9.81 6.69
C29 8IY C . 6.29 9.66 9.94
C30 8IY C . 5.71 10.45 10.92
C31 8IY C . 4.16 13.64 15.17
C32 8IY C . 3.90 14.46 16.26
#